data_4U9N
#
_entry.id   4U9N
#
_cell.length_a   63.521
_cell.length_b   70.681
_cell.length_c   103.327
_cell.angle_alpha   90.00
_cell.angle_beta   90.00
_cell.angle_gamma   90.00
#
_symmetry.space_group_name_H-M   'P 21 21 21'
#
loop_
_entity.id
_entity.type
_entity.pdbx_description
1 polymer 'Magnesium transporter MgtE'
2 non-polymer 'MANGANESE (II) ION'
3 non-polymer 'OLEIC ACID'
4 non-polymer '(2R)-2,3-dihydroxypropyl (9Z)-octadec-9-enoate'
5 water water
#
_entity_poly.entity_id   1
_entity_poly.type   'polypeptide(L)'
_entity_poly.pdbx_seq_one_letter_code
;LVYSEAGPVALWLARVRWLVILILTGMVTSSILQGFESVLEAVTALAFYVPVLLGTGGNTGNQSATLIIRALATRDLDLR
DWRRVFLKEMGVGLLLGLTLSFLLVGKVYWDGHPLLLPVVGVSLVLIVFFANLVGAMLPFLLRRLGVDPALVSNPLVATL
SDVTGLLIYLSVARLLLE
;
_entity_poly.pdbx_strand_id   A,B
#
loop_
_chem_comp.id
_chem_comp.type
_chem_comp.name
_chem_comp.formula
MN non-polymer 'MANGANESE (II) ION' 'Mn 2'
OLA non-polymer 'OLEIC ACID' 'C18 H34 O2'
OLC non-polymer '(2R)-2,3-dihydroxypropyl (9Z)-octadec-9-enoate' 'C21 H40 O4'
#
# COMPACT_ATOMS: atom_id res chain seq x y z
N VAL A 2 -21.02 -3.67 -16.48
CA VAL A 2 -20.07 -2.89 -17.27
C VAL A 2 -20.10 -1.43 -16.83
N TYR A 3 -18.99 -0.73 -17.03
CA TYR A 3 -18.79 0.60 -16.44
C TYR A 3 -19.67 1.68 -17.07
N SER A 4 -19.76 1.68 -18.40
CA SER A 4 -20.55 2.67 -19.11
C SER A 4 -22.03 2.58 -18.73
N GLU A 5 -22.43 1.44 -18.20
CA GLU A 5 -23.81 1.19 -17.80
C GLU A 5 -24.12 1.84 -16.45
N ALA A 6 -23.30 1.53 -15.45
CA ALA A 6 -23.61 1.84 -14.07
C ALA A 6 -23.51 3.32 -13.72
N GLY A 7 -24.43 3.76 -12.86
CA GLY A 7 -24.39 5.11 -12.31
C GLY A 7 -23.55 5.10 -11.03
N PRO A 8 -23.43 6.28 -10.39
CA PRO A 8 -22.59 6.44 -9.19
C PRO A 8 -23.03 5.54 -8.03
N VAL A 9 -24.32 5.46 -7.77
CA VAL A 9 -24.84 4.63 -6.70
C VAL A 9 -24.56 3.15 -6.99
N ALA A 10 -24.72 2.77 -8.25
CA ALA A 10 -24.49 1.38 -8.67
C ALA A 10 -23.02 1.01 -8.52
N LEU A 11 -22.13 1.93 -8.87
CA LEU A 11 -20.70 1.72 -8.69
C LEU A 11 -20.37 1.63 -7.21
N TRP A 12 -20.95 2.53 -6.42
CA TRP A 12 -20.78 2.52 -4.98
C TRP A 12 -21.24 1.19 -4.39
N LEU A 13 -22.38 0.72 -4.88
CA LEU A 13 -22.94 -0.56 -4.46
C LEU A 13 -21.99 -1.73 -4.75
N ALA A 14 -21.32 -1.67 -5.90
CA ALA A 14 -20.49 -2.78 -6.35
C ALA A 14 -19.10 -2.78 -5.71
N ARG A 15 -18.69 -1.64 -5.16
CA ARG A 15 -17.34 -1.49 -4.66
C ARG A 15 -17.23 -1.47 -3.14
N VAL A 16 -18.30 -1.06 -2.46
CA VAL A 16 -18.23 -0.74 -1.03
C VAL A 16 -17.92 -1.96 -0.15
N ARG A 17 -18.49 -3.11 -0.47
CA ARG A 17 -18.35 -4.30 0.37
C ARG A 17 -16.89 -4.72 0.51
N TRP A 18 -16.17 -4.69 -0.61
CA TRP A 18 -14.77 -5.10 -0.63
C TRP A 18 -13.87 -4.11 0.11
N LEU A 19 -14.20 -2.82 0.01
CA LEU A 19 -13.42 -1.79 0.70
C LEU A 19 -13.67 -1.79 2.19
N VAL A 20 -14.89 -2.16 2.59
CA VAL A 20 -15.25 -2.22 4.00
C VAL A 20 -14.53 -3.37 4.70
N ILE A 21 -14.46 -4.52 4.02
CA ILE A 21 -13.74 -5.67 4.54
C ILE A 21 -12.26 -5.34 4.75
N LEU A 22 -11.67 -4.63 3.79
CA LEU A 22 -10.26 -4.27 3.84
C LEU A 22 -9.95 -3.30 4.97
N ILE A 23 -10.79 -2.29 5.17
CA ILE A 23 -10.53 -1.29 6.20
C ILE A 23 -10.78 -1.88 7.59
N LEU A 24 -11.73 -2.80 7.69
CA LEU A 24 -12.01 -3.48 8.96
C LEU A 24 -10.81 -4.34 9.34
N THR A 25 -10.13 -4.86 8.33
CA THR A 25 -8.90 -5.61 8.53
C THR A 25 -7.74 -4.67 8.81
N GLY A 26 -7.66 -3.58 8.05
CA GLY A 26 -6.59 -2.61 8.18
C GLY A 26 -6.61 -1.83 9.49
N MET A 27 -7.76 -1.82 10.16
CA MET A 27 -7.91 -1.12 11.44
C MET A 27 -7.00 -1.70 12.51
N VAL A 28 -6.59 -2.96 12.34
CA VAL A 28 -5.72 -3.63 13.28
C VAL A 28 -4.39 -2.90 13.42
N THR A 29 -3.94 -2.26 12.35
CA THR A 29 -2.66 -1.56 12.35
C THR A 29 -2.63 -0.44 13.39
N SER A 30 -3.76 0.20 13.62
CA SER A 30 -3.84 1.27 14.60
C SER A 30 -3.73 0.70 16.02
N SER A 31 -4.28 -0.50 16.21
CA SER A 31 -4.21 -1.17 17.50
C SER A 31 -2.78 -1.64 17.79
N ILE A 32 -2.10 -2.09 16.74
CA ILE A 32 -0.72 -2.53 16.85
C ILE A 32 0.19 -1.37 17.25
N LEU A 33 0.03 -0.24 16.58
CA LEU A 33 0.83 0.96 16.87
C LEU A 33 0.56 1.47 18.29
N GLN A 34 -0.70 1.39 18.71
CA GLN A 34 -1.09 1.79 20.06
C GLN A 34 -0.35 0.96 21.11
N GLY A 35 -0.16 -0.32 20.82
CA GLY A 35 0.53 -1.22 21.73
C GLY A 35 2.03 -0.98 21.85
N PHE A 36 2.56 -0.14 20.98
CA PHE A 36 3.99 0.20 21.02
C PHE A 36 4.19 1.69 21.29
N GLU A 37 3.21 2.31 21.94
CA GLU A 37 3.23 3.75 22.17
C GLU A 37 4.48 4.21 22.93
N SER A 38 4.97 3.35 23.82
CA SER A 38 6.13 3.66 24.66
C SER A 38 7.37 3.99 23.81
N VAL A 39 7.77 3.07 22.95
CA VAL A 39 8.94 3.28 22.12
C VAL A 39 8.71 4.35 21.05
N LEU A 40 7.46 4.48 20.61
CA LEU A 40 7.11 5.52 19.65
C LEU A 40 7.27 6.91 20.25
N GLU A 41 6.95 7.03 21.54
CA GLU A 41 7.07 8.30 22.24
C GLU A 41 8.51 8.62 22.58
N ALA A 42 9.30 7.59 22.88
CA ALA A 42 10.71 7.76 23.19
C ALA A 42 11.50 8.28 21.99
N VAL A 43 11.31 7.65 20.84
CA VAL A 43 11.96 8.08 19.60
C VAL A 43 10.93 8.41 18.53
N THR A 44 10.61 9.70 18.41
CA THR A 44 9.57 10.14 17.48
C THR A 44 9.91 9.85 16.03
N ALA A 45 11.20 9.77 15.71
CA ALA A 45 11.66 9.54 14.35
C ALA A 45 11.26 8.17 13.80
N LEU A 46 10.84 7.28 14.69
CA LEU A 46 10.35 5.96 14.29
C LEU A 46 9.18 6.07 13.32
N ALA A 47 8.32 7.05 13.55
CA ALA A 47 7.14 7.25 12.72
C ALA A 47 7.48 7.75 11.32
N PHE A 48 8.67 8.31 11.16
CA PHE A 48 9.08 8.90 9.89
C PHE A 48 9.16 7.87 8.77
N TYR A 49 9.53 6.63 9.10
CA TYR A 49 9.83 5.64 8.07
C TYR A 49 8.78 4.54 7.97
N VAL A 50 7.65 4.72 8.65
CA VAL A 50 6.57 3.74 8.61
C VAL A 50 6.00 3.54 7.19
N PRO A 51 5.65 4.63 6.48
CA PRO A 51 5.09 4.39 5.13
C PRO A 51 6.07 3.79 4.14
N VAL A 52 7.35 4.15 4.21
CA VAL A 52 8.29 3.64 3.22
C VAL A 52 8.64 2.17 3.48
N LEU A 53 8.58 1.75 4.74
CA LEU A 53 8.82 0.36 5.09
C LEU A 53 7.66 -0.54 4.67
N LEU A 54 6.44 -0.12 5.02
CA LEU A 54 5.25 -0.89 4.68
C LEU A 54 4.97 -0.84 3.18
N GLY A 55 5.32 0.28 2.56
CA GLY A 55 5.11 0.46 1.13
C GLY A 55 6.05 -0.38 0.28
N THR A 56 7.29 -0.54 0.75
CA THR A 56 8.27 -1.36 0.06
C THR A 56 7.90 -2.84 0.17
N GLY A 57 7.33 -3.22 1.32
CA GLY A 57 6.83 -4.56 1.51
C GLY A 57 5.72 -4.89 0.53
N GLY A 58 4.79 -3.95 0.38
CA GLY A 58 3.70 -4.10 -0.58
C GLY A 58 4.18 -4.20 -2.01
N ASN A 59 5.13 -3.35 -2.39
CA ASN A 59 5.71 -3.38 -3.73
C ASN A 59 6.37 -4.71 -4.03
N THR A 60 7.16 -5.18 -3.07
CA THR A 60 7.87 -6.45 -3.20
C THR A 60 6.88 -7.61 -3.34
N GLY A 61 5.89 -7.66 -2.45
CA GLY A 61 4.90 -8.71 -2.46
C GLY A 61 4.09 -8.75 -3.74
N ASN A 62 3.66 -7.58 -4.22
CA ASN A 62 2.81 -7.50 -5.39
C ASN A 62 3.58 -7.78 -6.68
N GLN A 63 4.87 -7.48 -6.67
CA GLN A 63 5.74 -7.79 -7.79
C GLN A 63 5.90 -9.31 -7.87
N SER A 64 6.09 -9.93 -6.71
CA SER A 64 6.23 -11.38 -6.61
C SER A 64 4.94 -12.08 -7.03
N ALA A 65 3.80 -11.55 -6.57
CA ALA A 65 2.50 -12.14 -6.89
C ALA A 65 2.22 -12.08 -8.38
N THR A 66 2.62 -10.98 -9.03
CA THR A 66 2.41 -10.80 -10.46
C THR A 66 3.11 -11.90 -11.27
N LEU A 67 4.36 -12.19 -10.92
CA LEU A 67 5.13 -13.24 -11.57
C LEU A 67 4.47 -14.60 -11.42
N ILE A 68 3.99 -14.91 -10.22
CA ILE A 68 3.42 -16.22 -9.93
C ILE A 68 2.07 -16.43 -10.62
N ILE A 69 1.24 -15.39 -10.59
CA ILE A 69 -0.06 -15.44 -11.25
C ILE A 69 0.11 -15.73 -12.75
N ARG A 70 1.11 -15.09 -13.35
CA ARG A 70 1.41 -15.29 -14.76
C ARG A 70 1.84 -16.72 -15.06
N ALA A 71 2.75 -17.24 -14.23
CA ALA A 71 3.28 -18.58 -14.41
C ALA A 71 2.20 -19.66 -14.25
N LEU A 72 1.24 -19.40 -13.38
CA LEU A 72 0.14 -20.33 -13.16
C LEU A 72 -0.85 -20.30 -14.33
N ALA A 73 -1.05 -19.10 -14.89
CA ALA A 73 -1.96 -18.94 -16.02
C ALA A 73 -1.42 -19.63 -17.27
N THR A 74 -0.12 -19.50 -17.51
CA THR A 74 0.51 -20.09 -18.69
C THR A 74 0.92 -21.53 -18.42
N ARG A 75 0.57 -22.02 -17.23
CA ARG A 75 0.89 -23.38 -16.79
C ARG A 75 2.40 -23.63 -16.78
N ASP A 76 3.17 -22.56 -16.59
CA ASP A 76 4.60 -22.68 -16.33
C ASP A 76 4.80 -23.32 -14.97
N LEU A 77 3.83 -23.12 -14.08
CA LEU A 77 3.82 -23.77 -12.78
C LEU A 77 2.47 -24.44 -12.51
N ASP A 78 2.50 -25.52 -11.74
CA ASP A 78 1.29 -26.17 -11.28
C ASP A 78 1.06 -25.84 -9.81
N LEU A 79 -0.11 -26.20 -9.29
CA LEU A 79 -0.46 -25.89 -7.91
C LEU A 79 0.51 -26.53 -6.91
N ARG A 80 1.03 -27.69 -7.26
CA ARG A 80 1.87 -28.46 -6.34
C ARG A 80 3.31 -27.95 -6.29
N ASP A 81 3.62 -26.95 -7.11
CA ASP A 81 4.97 -26.39 -7.18
C ASP A 81 5.23 -25.34 -6.10
N TRP A 82 4.23 -25.09 -5.25
CA TRP A 82 4.30 -23.98 -4.31
C TRP A 82 5.41 -24.13 -3.27
N ARG A 83 5.77 -25.37 -2.95
CA ARG A 83 6.85 -25.62 -2.00
C ARG A 83 8.20 -25.30 -2.61
N ARG A 84 8.37 -25.65 -3.88
CA ARG A 84 9.61 -25.36 -4.60
C ARG A 84 9.76 -23.86 -4.84
N VAL A 85 8.66 -23.20 -5.13
CA VAL A 85 8.64 -21.76 -5.31
C VAL A 85 8.97 -21.06 -3.99
N PHE A 86 8.43 -21.60 -2.90
CA PHE A 86 8.67 -21.09 -1.57
C PHE A 86 10.16 -21.07 -1.25
N LEU A 87 10.83 -22.16 -1.56
CA LEU A 87 12.25 -22.31 -1.23
C LEU A 87 13.14 -21.40 -2.07
N LYS A 88 12.78 -21.23 -3.34
CA LYS A 88 13.56 -20.37 -4.22
C LYS A 88 13.36 -18.90 -3.87
N GLU A 89 12.12 -18.51 -3.59
CA GLU A 89 11.79 -17.13 -3.28
C GLU A 89 12.39 -16.69 -1.94
N MET A 90 12.76 -17.65 -1.10
CA MET A 90 13.49 -17.37 0.12
C MET A 90 14.79 -16.64 -0.18
N GLY A 91 15.47 -17.10 -1.22
CA GLY A 91 16.73 -16.51 -1.63
C GLY A 91 16.55 -15.17 -2.32
N VAL A 92 15.57 -15.08 -3.20
CA VAL A 92 15.30 -13.85 -3.94
C VAL A 92 14.95 -12.71 -2.98
N GLY A 93 14.11 -12.99 -1.99
CA GLY A 93 13.68 -12.00 -1.04
C GLY A 93 14.81 -11.47 -0.16
N LEU A 94 15.70 -12.37 0.24
CA LEU A 94 16.86 -11.98 1.04
C LEU A 94 17.79 -11.07 0.23
N LEU A 95 17.93 -11.37 -1.05
CA LEU A 95 18.79 -10.57 -1.93
C LEU A 95 18.18 -9.20 -2.18
N LEU A 96 16.87 -9.15 -2.44
CA LEU A 96 16.17 -7.89 -2.62
C LEU A 96 16.14 -7.10 -1.31
N GLY A 97 16.04 -7.82 -0.20
CA GLY A 97 15.96 -7.21 1.11
C GLY A 97 17.24 -6.48 1.47
N LEU A 98 18.37 -7.15 1.28
CA LEU A 98 19.67 -6.57 1.56
C LEU A 98 19.95 -5.36 0.65
N THR A 99 19.53 -5.46 -0.60
CA THR A 99 19.74 -4.38 -1.56
C THR A 99 18.96 -3.13 -1.16
N LEU A 100 17.67 -3.29 -0.92
CA LEU A 100 16.79 -2.17 -0.56
C LEU A 100 17.15 -1.60 0.81
N SER A 101 17.56 -2.47 1.72
CA SER A 101 17.95 -2.03 3.07
C SER A 101 19.15 -1.10 3.02
N PHE A 102 20.09 -1.43 2.15
CA PHE A 102 21.29 -0.61 1.98
C PHE A 102 20.92 0.83 1.62
N LEU A 103 19.95 0.98 0.73
CA LEU A 103 19.52 2.31 0.28
C LEU A 103 18.81 3.11 1.38
N LEU A 104 17.91 2.46 2.10
CA LEU A 104 17.10 3.15 3.10
C LEU A 104 17.92 3.55 4.33
N VAL A 105 18.90 2.71 4.68
CA VAL A 105 19.82 3.04 5.76
C VAL A 105 20.59 4.31 5.41
N GLY A 106 20.92 4.46 4.12
CA GLY A 106 21.55 5.67 3.63
C GLY A 106 20.67 6.88 3.88
N LYS A 107 19.38 6.73 3.63
CA LYS A 107 18.42 7.80 3.90
C LYS A 107 18.35 8.12 5.39
N VAL A 108 18.38 7.09 6.22
CA VAL A 108 18.36 7.28 7.67
C VAL A 108 19.64 7.98 8.15
N TYR A 109 20.76 7.61 7.56
CA TYR A 109 22.04 8.23 7.87
C TYR A 109 22.02 9.71 7.45
N TRP A 110 21.42 9.99 6.31
CA TRP A 110 21.28 11.37 5.84
C TRP A 110 20.39 12.19 6.76
N ASP A 111 19.26 11.61 7.17
CA ASP A 111 18.32 12.31 8.04
C ASP A 111 18.91 12.56 9.42
N GLY A 112 19.90 11.78 9.80
CA GLY A 112 20.60 11.99 11.05
C GLY A 112 19.96 11.33 12.26
N HIS A 113 19.56 10.07 12.11
CA HIS A 113 19.01 9.30 13.23
C HIS A 113 19.80 8.02 13.44
N PRO A 114 20.98 8.13 14.05
CA PRO A 114 21.92 7.01 14.22
C PRO A 114 21.34 5.85 15.02
N LEU A 115 20.44 6.15 15.96
CA LEU A 115 19.80 5.10 16.75
C LEU A 115 18.94 4.19 15.89
N LEU A 116 18.45 4.72 14.78
CA LEU A 116 17.53 3.96 13.92
C LEU A 116 18.23 3.24 12.79
N LEU A 117 19.55 3.39 12.69
CA LEU A 117 20.32 2.72 11.66
C LEU A 117 20.15 1.19 11.70
N PRO A 118 20.35 0.56 12.88
CA PRO A 118 20.15 -0.89 12.85
C PRO A 118 18.67 -1.29 12.87
N VAL A 119 17.82 -0.43 13.42
CA VAL A 119 16.39 -0.71 13.52
C VAL A 119 15.74 -0.78 12.14
N VAL A 120 15.95 0.26 11.34
CA VAL A 120 15.37 0.35 10.01
C VAL A 120 16.03 -0.66 9.07
N GLY A 121 17.34 -0.82 9.22
CA GLY A 121 18.10 -1.73 8.37
C GLY A 121 17.68 -3.19 8.50
N VAL A 122 17.61 -3.67 9.73
CA VAL A 122 17.23 -5.05 10.01
C VAL A 122 15.77 -5.30 9.62
N SER A 123 14.91 -4.34 9.96
CA SER A 123 13.48 -4.46 9.71
C SER A 123 13.14 -4.61 8.22
N LEU A 124 13.74 -3.77 7.39
CA LEU A 124 13.44 -3.78 5.96
C LEU A 124 13.81 -5.11 5.31
N VAL A 125 14.94 -5.67 5.70
CA VAL A 125 15.34 -6.98 5.19
C VAL A 125 14.29 -8.03 5.54
N LEU A 126 13.86 -8.02 6.80
CA LEU A 126 12.85 -8.96 7.27
C LEU A 126 11.50 -8.71 6.59
N ILE A 127 11.13 -7.43 6.48
CA ILE A 127 9.88 -7.04 5.84
C ILE A 127 9.84 -7.49 4.38
N VAL A 128 10.88 -7.16 3.62
CA VAL A 128 10.97 -7.56 2.22
C VAL A 128 10.97 -9.08 2.09
N PHE A 129 11.72 -9.75 2.96
CA PHE A 129 11.81 -11.20 2.94
C PHE A 129 10.45 -11.88 3.11
N PHE A 130 9.69 -11.44 4.10
CA PHE A 130 8.39 -12.05 4.39
C PHE A 130 7.31 -11.60 3.42
N ALA A 131 7.34 -10.34 3.00
CA ALA A 131 6.37 -9.82 2.06
C ALA A 131 6.51 -10.51 0.71
N ASN A 132 7.74 -10.88 0.38
CA ASN A 132 8.02 -11.58 -0.87
C ASN A 132 7.38 -12.96 -0.87
N LEU A 133 7.49 -13.66 0.25
CA LEU A 133 6.91 -14.99 0.38
C LEU A 133 5.39 -14.95 0.38
N VAL A 134 4.82 -13.98 1.09
CA VAL A 134 3.37 -13.80 1.11
C VAL A 134 2.84 -13.57 -0.30
N GLY A 135 3.53 -12.72 -1.05
CA GLY A 135 3.14 -12.43 -2.42
C GLY A 135 3.26 -13.64 -3.34
N ALA A 136 4.25 -14.49 -3.08
CA ALA A 136 4.48 -15.65 -3.92
C ALA A 136 3.50 -16.78 -3.63
N MET A 137 3.07 -16.89 -2.37
CA MET A 137 2.21 -18.00 -1.96
C MET A 137 0.73 -17.72 -2.17
N LEU A 138 0.34 -16.45 -2.08
CA LEU A 138 -1.07 -16.06 -2.16
C LEU A 138 -1.79 -16.52 -3.45
N PRO A 139 -1.14 -16.39 -4.62
CA PRO A 139 -1.83 -16.89 -5.83
C PRO A 139 -2.13 -18.38 -5.79
N PHE A 140 -1.26 -19.16 -5.16
CA PHE A 140 -1.49 -20.59 -4.99
C PHE A 140 -2.72 -20.82 -4.12
N LEU A 141 -2.82 -20.05 -3.04
CA LEU A 141 -3.94 -20.18 -2.11
C LEU A 141 -5.27 -19.79 -2.76
N LEU A 142 -5.26 -18.70 -3.52
CA LEU A 142 -6.47 -18.21 -4.16
C LEU A 142 -7.01 -19.15 -5.23
N ARG A 143 -6.12 -19.64 -6.10
CA ARG A 143 -6.50 -20.56 -7.15
C ARG A 143 -7.03 -21.87 -6.57
N ARG A 144 -6.53 -22.24 -5.39
CA ARG A 144 -6.99 -23.42 -4.69
C ARG A 144 -8.44 -23.23 -4.23
N LEU A 145 -8.81 -21.98 -3.95
CA LEU A 145 -10.16 -21.67 -3.49
C LEU A 145 -11.05 -21.16 -4.62
N GLY A 146 -10.51 -21.11 -5.83
CA GLY A 146 -11.27 -20.72 -7.00
C GLY A 146 -11.43 -19.21 -7.18
N VAL A 147 -10.59 -18.45 -6.50
CA VAL A 147 -10.67 -16.98 -6.55
C VAL A 147 -9.78 -16.41 -7.65
N ASP A 148 -10.29 -15.38 -8.34
CA ASP A 148 -9.51 -14.68 -9.35
C ASP A 148 -8.76 -13.50 -8.73
N PRO A 149 -7.42 -13.49 -8.87
CA PRO A 149 -6.50 -12.51 -8.26
C PRO A 149 -6.66 -11.08 -8.75
N ALA A 150 -7.20 -10.90 -9.96
CA ALA A 150 -7.20 -9.60 -10.65
C ALA A 150 -7.67 -8.42 -9.79
N LEU A 151 -8.67 -8.64 -8.94
CA LEU A 151 -9.19 -7.57 -8.10
C LEU A 151 -9.08 -7.90 -6.62
N VAL A 152 -8.40 -8.99 -6.31
CA VAL A 152 -8.31 -9.48 -4.93
C VAL A 152 -6.86 -9.56 -4.44
N SER A 153 -5.96 -10.01 -5.31
CA SER A 153 -4.57 -10.26 -4.93
C SER A 153 -3.84 -9.03 -4.41
N ASN A 154 -3.96 -7.93 -5.16
N ASN A 154 -3.93 -7.92 -5.17
CA ASN A 154 -3.22 -6.71 -4.84
CA ASN A 154 -3.19 -6.71 -4.83
C ASN A 154 -3.60 -6.07 -3.51
C ASN A 154 -3.60 -6.03 -3.51
N PRO A 155 -4.92 -5.88 -3.25
CA PRO A 155 -5.23 -5.27 -1.95
C PRO A 155 -4.93 -6.20 -0.77
N LEU A 156 -5.03 -7.50 -0.99
CA LEU A 156 -4.76 -8.48 0.07
C LEU A 156 -3.29 -8.48 0.47
N VAL A 157 -2.41 -8.47 -0.54
CA VAL A 157 -0.97 -8.43 -0.28
C VAL A 157 -0.59 -7.16 0.46
N ALA A 158 -1.13 -6.03 0.01
CA ALA A 158 -0.82 -4.74 0.61
C ALA A 158 -1.25 -4.64 2.07
N THR A 159 -2.41 -5.20 2.39
CA THR A 159 -2.94 -5.14 3.75
C THR A 159 -2.20 -6.11 4.67
N LEU A 160 -1.96 -7.33 4.18
CA LEU A 160 -1.24 -8.33 4.96
C LEU A 160 0.19 -7.86 5.27
N SER A 161 0.81 -7.20 4.29
CA SER A 161 2.17 -6.70 4.45
C SER A 161 2.23 -5.52 5.41
N ASP A 162 1.18 -4.70 5.40
CA ASP A 162 1.10 -3.58 6.34
C ASP A 162 1.04 -4.09 7.77
N VAL A 163 0.26 -5.14 8.00
CA VAL A 163 0.11 -5.72 9.33
C VAL A 163 1.38 -6.42 9.78
N THR A 164 1.87 -7.33 8.94
CA THR A 164 3.06 -8.11 9.27
C THR A 164 4.31 -7.22 9.32
N GLY A 165 4.38 -6.26 8.40
CA GLY A 165 5.49 -5.33 8.37
C GLY A 165 5.57 -4.46 9.62
N LEU A 166 4.41 -4.06 10.14
CA LEU A 166 4.36 -3.25 11.35
C LEU A 166 4.81 -4.04 12.56
N LEU A 167 4.37 -5.31 12.63
CA LEU A 167 4.73 -6.20 13.72
C LEU A 167 6.23 -6.45 13.77
N ILE A 168 6.85 -6.52 12.60
CA ILE A 168 8.29 -6.74 12.52
C ILE A 168 9.06 -5.49 12.94
N TYR A 169 8.74 -4.37 12.33
CA TYR A 169 9.41 -3.10 12.56
C TYR A 169 9.35 -2.67 14.02
N LEU A 170 8.16 -2.73 14.61
CA LEU A 170 7.95 -2.26 15.98
C LEU A 170 8.56 -3.21 17.01
N SER A 171 8.62 -4.49 16.68
CA SER A 171 9.23 -5.48 17.56
C SER A 171 10.74 -5.30 17.58
N VAL A 172 11.32 -5.04 16.41
CA VAL A 172 12.74 -4.76 16.31
C VAL A 172 13.06 -3.47 17.04
N ALA A 173 12.19 -2.46 16.87
CA ALA A 173 12.35 -1.17 17.53
C ALA A 173 12.36 -1.32 19.04
N ARG A 174 11.36 -2.02 19.58
CA ARG A 174 11.28 -2.23 21.02
C ARG A 174 12.48 -3.00 21.54
N LEU A 175 12.91 -4.01 20.79
CA LEU A 175 14.05 -4.84 21.16
C LEU A 175 15.35 -4.04 21.25
N LEU A 176 15.60 -3.21 20.24
CA LEU A 176 16.87 -2.47 20.15
C LEU A 176 16.87 -1.15 20.92
N LEU A 177 15.69 -0.60 21.20
CA LEU A 177 15.59 0.71 21.83
C LEU A 177 15.10 0.64 23.27
N GLU A 178 14.52 -0.50 23.64
CA GLU A 178 14.01 -0.70 25.00
C GLU A 178 14.32 -2.10 25.52
N LEU B 1 10.28 -13.15 -19.38
CA LEU B 1 11.11 -14.09 -18.63
C LEU B 1 10.29 -15.31 -18.20
N VAL B 2 10.93 -16.48 -18.23
CA VAL B 2 10.28 -17.71 -17.82
C VAL B 2 10.67 -18.05 -16.39
N TYR B 3 9.69 -18.08 -15.50
CA TYR B 3 9.95 -18.16 -14.06
C TYR B 3 10.57 -19.48 -13.62
N SER B 4 10.05 -20.60 -14.13
CA SER B 4 10.49 -21.92 -13.68
C SER B 4 11.94 -22.22 -14.06
N GLU B 5 12.49 -21.43 -14.97
CA GLU B 5 13.85 -21.66 -15.44
C GLU B 5 14.81 -20.57 -14.96
N ALA B 6 14.31 -19.62 -14.19
CA ALA B 6 15.13 -18.53 -13.69
C ALA B 6 15.59 -18.79 -12.26
N GLY B 7 16.89 -18.69 -12.03
CA GLY B 7 17.45 -18.87 -10.71
C GLY B 7 17.27 -17.64 -9.85
N PRO B 8 17.48 -17.77 -8.53
CA PRO B 8 17.35 -16.68 -7.55
C PRO B 8 18.13 -15.43 -7.97
N VAL B 9 19.36 -15.62 -8.44
CA VAL B 9 20.18 -14.51 -8.88
C VAL B 9 19.53 -13.82 -10.09
N ALA B 10 19.04 -14.64 -11.02
CA ALA B 10 18.39 -14.11 -12.22
C ALA B 10 17.11 -13.35 -11.88
N LEU B 11 16.36 -13.86 -10.91
CA LEU B 11 15.14 -13.21 -10.49
C LEU B 11 15.43 -11.88 -9.80
N TRP B 12 16.53 -11.84 -9.05
CA TRP B 12 16.94 -10.61 -8.37
C TRP B 12 17.26 -9.51 -9.39
N LEU B 13 18.05 -9.85 -10.41
CA LEU B 13 18.44 -8.90 -11.43
C LEU B 13 17.25 -8.31 -12.18
N ALA B 14 16.25 -9.15 -12.44
CA ALA B 14 15.07 -8.73 -13.19
C ALA B 14 14.09 -7.94 -12.32
N ARG B 15 14.24 -8.01 -11.01
CA ARG B 15 13.27 -7.39 -10.11
C ARG B 15 13.79 -6.12 -9.44
N VAL B 16 15.10 -6.05 -9.22
CA VAL B 16 15.68 -5.04 -8.34
C VAL B 16 15.49 -3.60 -8.83
N ARG B 17 15.63 -3.37 -10.12
CA ARG B 17 15.59 -2.01 -10.66
C ARG B 17 14.25 -1.32 -10.38
N TRP B 18 13.16 -2.04 -10.57
CA TRP B 18 11.83 -1.49 -10.35
C TRP B 18 11.61 -1.20 -8.87
N LEU B 19 12.17 -2.04 -8.01
CA LEU B 19 12.04 -1.85 -6.56
C LEU B 19 12.90 -0.69 -6.08
N VAL B 20 14.07 -0.52 -6.68
CA VAL B 20 14.96 0.58 -6.34
C VAL B 20 14.30 1.91 -6.68
N ILE B 21 13.71 1.99 -7.86
CA ILE B 21 13.00 3.20 -8.30
C ILE B 21 11.86 3.54 -7.34
N LEU B 22 11.13 2.53 -6.92
CA LEU B 22 9.96 2.71 -6.06
C LEU B 22 10.34 3.15 -4.64
N ILE B 23 11.43 2.62 -4.09
CA ILE B 23 11.82 2.97 -2.75
C ILE B 23 12.52 4.33 -2.72
N LEU B 24 13.18 4.69 -3.82
CA LEU B 24 13.81 6.00 -3.93
C LEU B 24 12.74 7.06 -3.97
N THR B 25 11.68 6.79 -4.73
CA THR B 25 10.53 7.68 -4.80
C THR B 25 9.76 7.66 -3.48
N GLY B 26 9.73 6.49 -2.84
CA GLY B 26 9.01 6.30 -1.60
C GLY B 26 9.65 7.01 -0.40
N MET B 27 10.93 7.34 -0.53
CA MET B 27 11.65 8.04 0.53
C MET B 27 11.08 9.43 0.79
N VAL B 28 10.35 9.95 -0.18
CA VAL B 28 9.70 11.25 -0.07
C VAL B 28 8.77 11.31 1.14
N THR B 29 8.08 10.21 1.42
CA THR B 29 7.14 10.13 2.52
C THR B 29 7.83 10.42 3.86
N SER B 30 9.06 9.93 4.01
CA SER B 30 9.81 10.14 5.24
C SER B 30 10.16 11.61 5.42
N SER B 31 10.41 12.29 4.31
CA SER B 31 10.71 13.72 4.34
C SER B 31 9.46 14.53 4.69
N ILE B 32 8.32 14.10 4.17
CA ILE B 32 7.05 14.73 4.45
C ILE B 32 6.74 14.70 5.95
N LEU B 33 6.90 13.53 6.54
CA LEU B 33 6.61 13.33 7.95
C LEU B 33 7.53 14.17 8.84
N GLN B 34 8.78 14.30 8.42
CA GLN B 34 9.76 15.10 9.17
C GLN B 34 9.36 16.57 9.20
N GLY B 35 8.74 17.04 8.12
CA GLY B 35 8.28 18.41 8.04
C GLY B 35 7.08 18.69 8.93
N PHE B 36 6.47 17.63 9.45
CA PHE B 36 5.33 17.76 10.35
C PHE B 36 5.66 17.25 11.74
N GLU B 37 6.96 17.23 12.07
CA GLU B 37 7.44 16.72 13.34
C GLU B 37 6.76 17.39 14.54
N SER B 38 6.49 18.69 14.41
CA SER B 38 5.87 19.45 15.48
C SER B 38 4.48 18.92 15.84
N VAL B 39 3.68 18.62 14.82
CA VAL B 39 2.33 18.11 15.04
C VAL B 39 2.37 16.66 15.52
N LEU B 40 3.33 15.90 15.01
CA LEU B 40 3.48 14.51 15.41
C LEU B 40 3.88 14.39 16.86
N GLU B 41 4.71 15.32 17.33
CA GLU B 41 5.15 15.35 18.71
C GLU B 41 4.02 15.84 19.62
N ALA B 42 3.22 16.76 19.11
CA ALA B 42 2.13 17.35 19.89
C ALA B 42 1.06 16.32 20.25
N VAL B 43 0.63 15.54 19.26
CA VAL B 43 -0.37 14.52 19.49
C VAL B 43 0.18 13.13 19.15
N THR B 44 0.32 12.29 20.16
CA THR B 44 0.95 10.98 20.01
C THR B 44 0.17 10.04 19.11
N ALA B 45 -1.16 10.05 19.21
CA ALA B 45 -1.99 9.09 18.51
C ALA B 45 -2.16 9.42 17.04
N LEU B 46 -1.57 10.53 16.60
CA LEU B 46 -1.65 10.96 15.20
C LEU B 46 -1.01 9.92 14.28
N ALA B 47 0.09 9.34 14.73
CA ALA B 47 0.82 8.35 13.96
C ALA B 47 0.10 6.99 13.89
N PHE B 48 -0.83 6.76 14.81
CA PHE B 48 -1.49 5.46 14.90
C PHE B 48 -2.36 5.15 13.68
N TYR B 49 -2.80 6.19 12.97
CA TYR B 49 -3.77 6.01 11.90
C TYR B 49 -3.19 6.20 10.50
N VAL B 50 -1.90 6.46 10.43
CA VAL B 50 -1.24 6.65 9.13
C VAL B 50 -1.35 5.43 8.20
N PRO B 51 -1.03 4.21 8.69
CA PRO B 51 -1.11 3.09 7.74
C PRO B 51 -2.53 2.80 7.24
N VAL B 52 -3.55 2.95 8.08
CA VAL B 52 -4.91 2.64 7.65
C VAL B 52 -5.45 3.74 6.72
N LEU B 53 -5.02 4.98 6.94
CA LEU B 53 -5.40 6.07 6.05
C LEU B 53 -4.78 5.91 4.67
N LEU B 54 -3.46 5.77 4.62
CA LEU B 54 -2.76 5.62 3.35
C LEU B 54 -3.13 4.32 2.65
N GLY B 55 -3.41 3.28 3.44
CA GLY B 55 -3.76 1.98 2.92
C GLY B 55 -5.15 1.96 2.32
N THR B 56 -6.09 2.69 2.92
CA THR B 56 -7.44 2.76 2.42
C THR B 56 -7.47 3.54 1.11
N GLY B 57 -6.68 4.61 1.05
CA GLY B 57 -6.53 5.38 -0.17
C GLY B 57 -6.01 4.51 -1.31
N GLY B 58 -4.96 3.77 -1.03
CA GLY B 58 -4.38 2.84 -2.00
C GLY B 58 -5.37 1.80 -2.49
N ASN B 59 -6.17 1.26 -1.58
CA ASN B 59 -7.18 0.27 -1.93
C ASN B 59 -8.23 0.84 -2.86
N THR B 60 -8.69 2.06 -2.54
CA THR B 60 -9.70 2.74 -3.33
C THR B 60 -9.19 3.05 -4.73
N GLY B 61 -7.96 3.57 -4.81
CA GLY B 61 -7.36 3.93 -6.07
C GLY B 61 -7.13 2.75 -7.00
N ASN B 62 -6.64 1.64 -6.44
N ASN B 62 -6.62 1.66 -6.43
CA ASN B 62 -6.37 0.46 -7.25
CA ASN B 62 -6.37 0.43 -7.16
C ASN B 62 -7.65 -0.27 -7.65
C ASN B 62 -7.67 -0.16 -7.70
N GLN B 63 -8.72 -0.04 -6.90
CA GLN B 63 -10.02 -0.60 -7.24
C GLN B 63 -10.60 0.11 -8.45
N SER B 64 -10.61 1.44 -8.41
CA SER B 64 -11.14 2.22 -9.52
C SER B 64 -10.26 2.08 -10.76
N ALA B 65 -8.95 2.00 -10.55
CA ALA B 65 -8.01 1.85 -11.66
C ALA B 65 -8.25 0.54 -12.40
N THR B 66 -8.43 -0.55 -11.65
CA THR B 66 -8.66 -1.87 -12.24
C THR B 66 -9.94 -1.87 -13.06
N LEU B 67 -10.96 -1.18 -12.56
CA LEU B 67 -12.22 -1.04 -13.28
C LEU B 67 -12.02 -0.31 -14.61
N ILE B 68 -11.22 0.76 -14.58
CA ILE B 68 -10.97 1.57 -15.76
C ILE B 68 -10.08 0.85 -16.77
N ILE B 69 -9.02 0.20 -16.27
CA ILE B 69 -8.11 -0.56 -17.14
C ILE B 69 -8.87 -1.63 -17.91
N ARG B 70 -9.77 -2.32 -17.22
CA ARG B 70 -10.60 -3.34 -17.84
C ARG B 70 -11.57 -2.72 -18.85
N ALA B 71 -12.22 -1.63 -18.46
CA ALA B 71 -13.21 -0.98 -19.31
C ALA B 71 -12.61 -0.48 -20.62
N LEU B 72 -11.36 -0.02 -20.56
CA LEU B 72 -10.67 0.47 -21.74
C LEU B 72 -10.15 -0.67 -22.61
N ALA B 73 -9.57 -1.68 -21.96
CA ALA B 73 -8.99 -2.81 -22.67
C ALA B 73 -10.07 -3.66 -23.36
N THR B 74 -11.29 -3.59 -22.86
CA THR B 74 -12.40 -4.35 -23.43
C THR B 74 -13.24 -3.45 -24.35
N ARG B 75 -12.77 -2.23 -24.55
CA ARG B 75 -13.40 -1.25 -25.44
C ARG B 75 -14.80 -0.83 -24.97
N ASP B 76 -15.06 -0.98 -23.67
CA ASP B 76 -16.28 -0.44 -23.09
C ASP B 76 -16.14 1.08 -22.98
N LEU B 77 -14.91 1.53 -22.80
CA LEU B 77 -14.59 2.94 -22.75
C LEU B 77 -13.51 3.29 -23.77
N ASP B 78 -13.46 4.56 -24.16
CA ASP B 78 -12.42 5.04 -25.06
C ASP B 78 -11.60 6.12 -24.35
N LEU B 79 -10.44 6.44 -24.89
CA LEU B 79 -9.58 7.48 -24.31
C LEU B 79 -10.28 8.84 -24.25
N ARG B 80 -11.28 9.03 -25.11
CA ARG B 80 -12.00 10.30 -25.19
C ARG B 80 -13.09 10.42 -24.12
N ASP B 81 -13.25 9.38 -23.32
CA ASP B 81 -14.33 9.33 -22.33
C ASP B 81 -13.87 9.73 -20.93
N TRP B 82 -12.66 10.26 -20.82
CA TRP B 82 -12.07 10.50 -19.50
C TRP B 82 -12.81 11.55 -18.67
N ARG B 83 -13.41 12.54 -19.34
CA ARG B 83 -14.12 13.60 -18.63
C ARG B 83 -15.40 13.10 -17.98
N ARG B 84 -16.18 12.31 -18.72
CA ARG B 84 -17.42 11.75 -18.20
C ARG B 84 -17.15 10.79 -17.04
N VAL B 85 -16.03 10.07 -17.13
CA VAL B 85 -15.62 9.17 -16.06
C VAL B 85 -15.23 9.97 -14.82
N PHE B 86 -14.47 11.05 -15.04
CA PHE B 86 -14.04 11.93 -13.97
C PHE B 86 -15.22 12.46 -13.17
N LEU B 87 -16.21 12.99 -13.87
CA LEU B 87 -17.39 13.58 -13.25
C LEU B 87 -18.19 12.56 -12.45
N LYS B 88 -18.25 11.33 -12.97
CA LYS B 88 -19.00 10.27 -12.31
C LYS B 88 -18.27 9.77 -11.06
N GLU B 89 -16.96 9.65 -11.15
CA GLU B 89 -16.16 9.12 -10.05
C GLU B 89 -16.08 10.10 -8.87
N MET B 90 -16.36 11.37 -9.14
CA MET B 90 -16.44 12.37 -8.07
C MET B 90 -17.52 11.97 -7.07
N GLY B 91 -18.63 11.47 -7.59
CA GLY B 91 -19.74 11.03 -6.76
C GLY B 91 -19.44 9.73 -6.04
N VAL B 92 -18.89 8.76 -6.77
CA VAL B 92 -18.56 7.46 -6.20
C VAL B 92 -17.54 7.60 -5.08
N GLY B 93 -16.51 8.40 -5.31
CA GLY B 93 -15.46 8.62 -4.33
C GLY B 93 -16.00 9.29 -3.07
N LEU B 94 -16.93 10.21 -3.25
CA LEU B 94 -17.56 10.90 -2.13
C LEU B 94 -18.37 9.92 -1.29
N LEU B 95 -19.16 9.10 -1.96
CA LEU B 95 -20.00 8.10 -1.29
C LEU B 95 -19.15 7.06 -0.56
N LEU B 96 -18.08 6.61 -1.21
CA LEU B 96 -17.16 5.65 -0.60
C LEU B 96 -16.43 6.29 0.58
N GLY B 97 -16.08 7.57 0.42
CA GLY B 97 -15.39 8.31 1.47
C GLY B 97 -16.20 8.42 2.74
N LEU B 98 -17.47 8.82 2.60
CA LEU B 98 -18.36 8.96 3.75
C LEU B 98 -18.56 7.64 4.48
N THR B 99 -18.72 6.56 3.71
CA THR B 99 -18.97 5.24 4.27
C THR B 99 -17.77 4.74 5.08
N LEU B 100 -16.59 4.78 4.47
CA LEU B 100 -15.37 4.30 5.11
C LEU B 100 -14.96 5.18 6.28
N SER B 101 -15.18 6.49 6.16
CA SER B 101 -14.83 7.43 7.23
C SER B 101 -15.70 7.21 8.45
N PHE B 102 -16.98 6.88 8.21
CA PHE B 102 -17.91 6.59 9.28
C PHE B 102 -17.43 5.42 10.14
N LEU B 103 -16.81 4.43 9.49
CA LEU B 103 -16.30 3.26 10.20
C LEU B 103 -15.02 3.59 10.97
N LEU B 104 -14.11 4.30 10.32
CA LEU B 104 -12.81 4.60 10.94
C LEU B 104 -12.96 5.54 12.13
N VAL B 105 -13.90 6.47 12.05
CA VAL B 105 -14.18 7.36 13.17
C VAL B 105 -14.65 6.55 14.37
N GLY B 106 -15.43 5.50 14.10
CA GLY B 106 -15.85 4.57 15.15
C GLY B 106 -14.66 3.92 15.84
N LYS B 107 -13.63 3.61 15.07
CA LYS B 107 -12.41 3.01 15.61
C LYS B 107 -11.65 4.01 16.47
N VAL B 108 -11.55 5.25 16.00
CA VAL B 108 -10.86 6.31 16.74
C VAL B 108 -11.54 6.53 18.09
N TYR B 109 -12.86 6.50 18.09
CA TYR B 109 -13.63 6.63 19.31
C TYR B 109 -13.40 5.43 20.22
N TRP B 110 -13.31 4.25 19.61
CA TRP B 110 -13.01 3.02 20.33
C TRP B 110 -11.62 3.08 20.97
N ASP B 111 -10.64 3.53 20.19
CA ASP B 111 -9.27 3.64 20.68
C ASP B 111 -9.17 4.67 21.82
N GLY B 112 -10.09 5.62 21.82
CA GLY B 112 -10.16 6.61 22.87
C GLY B 112 -9.36 7.87 22.56
N HIS B 113 -9.47 8.36 21.34
CA HIS B 113 -8.80 9.60 20.95
C HIS B 113 -9.80 10.58 20.34
N PRO B 114 -10.69 11.14 21.17
CA PRO B 114 -11.78 12.00 20.70
C PRO B 114 -11.28 13.26 20.02
N LEU B 115 -10.06 13.67 20.35
CA LEU B 115 -9.43 14.84 19.74
C LEU B 115 -9.19 14.59 18.25
N LEU B 116 -9.00 13.33 17.89
CA LEU B 116 -8.65 12.98 16.51
C LEU B 116 -9.85 12.62 15.65
N LEU B 117 -11.03 12.54 16.26
CA LEU B 117 -12.24 12.23 15.50
C LEU B 117 -12.47 13.17 14.30
N PRO B 118 -12.30 14.48 14.47
CA PRO B 118 -12.50 15.33 13.28
C PRO B 118 -11.39 15.23 12.23
N VAL B 119 -10.13 15.21 12.65
CA VAL B 119 -9.03 15.19 11.69
C VAL B 119 -8.99 13.89 10.89
N VAL B 120 -9.16 12.76 11.57
CA VAL B 120 -9.18 11.47 10.90
C VAL B 120 -10.41 11.32 10.00
N GLY B 121 -11.56 11.77 10.51
CA GLY B 121 -12.80 11.68 9.77
C GLY B 121 -12.81 12.50 8.49
N VAL B 122 -12.32 13.74 8.58
CA VAL B 122 -12.25 14.61 7.41
C VAL B 122 -11.19 14.14 6.42
N SER B 123 -10.04 13.74 6.95
CA SER B 123 -8.91 13.33 6.12
C SER B 123 -9.24 12.13 5.24
N LEU B 124 -9.88 11.12 5.82
CA LEU B 124 -10.17 9.90 5.07
C LEU B 124 -11.15 10.16 3.93
N VAL B 125 -12.11 11.06 4.16
CA VAL B 125 -13.05 11.43 3.10
C VAL B 125 -12.30 12.06 1.94
N LEU B 126 -11.43 13.00 2.25
CA LEU B 126 -10.61 13.68 1.25
C LEU B 126 -9.65 12.71 0.55
N ILE B 127 -9.08 11.78 1.32
CA ILE B 127 -8.12 10.83 0.79
C ILE B 127 -8.78 9.84 -0.17
N VAL B 128 -9.91 9.28 0.23
CA VAL B 128 -10.67 8.37 -0.63
C VAL B 128 -11.12 9.09 -1.90
N PHE B 129 -11.56 10.33 -1.73
CA PHE B 129 -12.04 11.14 -2.86
C PHE B 129 -10.96 11.34 -3.93
N PHE B 130 -9.78 11.75 -3.50
CA PHE B 130 -8.71 12.05 -4.45
C PHE B 130 -8.01 10.79 -4.98
N ALA B 131 -7.84 9.79 -4.12
CA ALA B 131 -7.24 8.52 -4.55
C ALA B 131 -8.11 7.83 -5.60
N ASN B 132 -9.42 7.99 -5.47
CA ASN B 132 -10.36 7.41 -6.42
C ASN B 132 -10.26 8.07 -7.79
N LEU B 133 -10.00 9.37 -7.79
CA LEU B 133 -9.83 10.13 -9.02
C LEU B 133 -8.49 9.82 -9.68
N VAL B 134 -7.43 9.71 -8.88
CA VAL B 134 -6.11 9.36 -9.39
C VAL B 134 -6.14 7.97 -10.01
N GLY B 135 -6.85 7.06 -9.37
CA GLY B 135 -7.01 5.71 -9.87
C GLY B 135 -7.78 5.67 -11.18
N ALA B 136 -8.83 6.47 -11.29
CA ALA B 136 -9.67 6.45 -12.47
C ALA B 136 -9.03 7.15 -13.67
N MET B 137 -8.12 8.08 -13.41
CA MET B 137 -7.54 8.90 -14.47
C MET B 137 -6.19 8.40 -14.95
N LEU B 138 -5.46 7.68 -14.10
CA LEU B 138 -4.13 7.20 -14.44
C LEU B 138 -4.08 6.25 -15.66
N PRO B 139 -5.05 5.33 -15.81
CA PRO B 139 -5.00 4.49 -17.01
C PRO B 139 -5.11 5.31 -18.31
N PHE B 140 -5.91 6.37 -18.29
CA PHE B 140 -6.03 7.26 -19.43
C PHE B 140 -4.70 7.95 -19.72
N LEU B 141 -4.07 8.47 -18.68
CA LEU B 141 -2.80 9.18 -18.82
C LEU B 141 -1.70 8.25 -19.32
N LEU B 142 -1.63 7.05 -18.75
CA LEU B 142 -0.60 6.08 -19.14
C LEU B 142 -0.75 5.66 -20.60
N ARG B 143 -1.98 5.35 -21.00
CA ARG B 143 -2.25 4.96 -22.38
C ARG B 143 -1.80 6.03 -23.37
N ARG B 144 -2.11 7.28 -23.06
CA ARG B 144 -1.77 8.41 -23.93
C ARG B 144 -0.27 8.64 -23.98
N LEU B 145 0.44 8.19 -22.95
CA LEU B 145 1.89 8.35 -22.88
C LEU B 145 2.63 7.15 -23.48
N GLY B 146 1.87 6.18 -23.99
CA GLY B 146 2.45 5.06 -24.71
C GLY B 146 2.65 3.77 -23.93
N VAL B 147 2.40 3.82 -22.62
CA VAL B 147 2.55 2.64 -21.79
C VAL B 147 1.20 2.14 -21.28
N ASP B 148 0.96 0.83 -21.43
CA ASP B 148 -0.29 0.25 -20.97
C ASP B 148 -0.34 0.26 -19.45
N PRO B 149 -1.52 0.57 -18.89
CA PRO B 149 -1.68 0.74 -17.44
C PRO B 149 -1.49 -0.54 -16.64
N ALA B 150 -1.86 -1.67 -17.23
CA ALA B 150 -1.87 -2.95 -16.53
C ALA B 150 -0.54 -3.29 -15.87
N LEU B 151 0.56 -2.92 -16.52
CA LEU B 151 1.89 -3.28 -16.06
C LEU B 151 2.33 -2.52 -14.82
N VAL B 152 2.01 -1.23 -14.76
CA VAL B 152 2.58 -0.35 -13.73
C VAL B 152 1.56 0.45 -12.92
N SER B 153 0.27 0.19 -13.10
CA SER B 153 -0.75 0.97 -12.40
C SER B 153 -0.72 0.78 -10.89
N ASN B 154 -0.52 -0.45 -10.44
CA ASN B 154 -0.54 -0.75 -9.02
C ASN B 154 0.48 0.04 -8.19
N PRO B 155 1.77 -0.03 -8.54
CA PRO B 155 2.72 0.67 -7.67
C PRO B 155 2.61 2.19 -7.76
N LEU B 156 2.19 2.70 -8.91
CA LEU B 156 2.04 4.14 -9.10
C LEU B 156 0.92 4.69 -8.22
N VAL B 157 -0.24 4.06 -8.28
CA VAL B 157 -1.38 4.47 -7.47
C VAL B 157 -1.05 4.34 -5.98
N ALA B 158 -0.32 3.30 -5.62
CA ALA B 158 0.06 3.07 -4.23
C ALA B 158 0.99 4.16 -3.72
N THR B 159 1.97 4.53 -4.55
CA THR B 159 2.96 5.53 -4.16
C THR B 159 2.34 6.94 -4.13
N LEU B 160 1.53 7.25 -5.13
CA LEU B 160 0.89 8.56 -5.22
C LEU B 160 -0.10 8.79 -4.08
N SER B 161 -0.86 7.76 -3.75
CA SER B 161 -1.84 7.85 -2.67
C SER B 161 -1.14 7.99 -1.32
N ASP B 162 0.03 7.38 -1.19
CA ASP B 162 0.81 7.49 0.04
C ASP B 162 1.30 8.93 0.23
N VAL B 163 1.83 9.53 -0.84
CA VAL B 163 2.33 10.90 -0.78
C VAL B 163 1.19 11.90 -0.59
N THR B 164 0.16 11.81 -1.44
CA THR B 164 -0.97 12.72 -1.36
C THR B 164 -1.78 12.49 -0.08
N GLY B 165 -1.85 11.24 0.37
CA GLY B 165 -2.53 10.92 1.60
C GLY B 165 -1.86 11.50 2.84
N LEU B 166 -0.53 11.46 2.88
CA LEU B 166 0.21 12.06 3.98
C LEU B 166 0.03 13.57 4.01
N LEU B 167 0.09 14.19 2.84
CA LEU B 167 -0.04 15.63 2.72
C LEU B 167 -1.42 16.11 3.17
N ILE B 168 -2.46 15.34 2.88
CA ILE B 168 -3.82 15.72 3.28
C ILE B 168 -4.00 15.58 4.79
N TYR B 169 -3.70 14.41 5.31
CA TYR B 169 -3.87 14.09 6.73
C TYR B 169 -3.11 15.06 7.63
N LEU B 170 -1.82 15.24 7.36
CA LEU B 170 -0.96 16.06 8.20
C LEU B 170 -1.31 17.54 8.11
N SER B 171 -1.79 17.97 6.95
CA SER B 171 -2.23 19.35 6.79
C SER B 171 -3.53 19.58 7.55
N VAL B 172 -4.46 18.64 7.44
CA VAL B 172 -5.70 18.73 8.21
C VAL B 172 -5.39 18.72 9.71
N ALA B 173 -4.42 17.91 10.10
CA ALA B 173 -4.01 17.83 11.50
C ALA B 173 -3.39 19.14 11.98
N ARG B 174 -2.59 19.78 11.13
CA ARG B 174 -1.90 21.00 11.50
C ARG B 174 -2.87 22.19 11.63
N LEU B 175 -3.92 22.17 10.82
CA LEU B 175 -4.94 23.21 10.84
C LEU B 175 -5.98 23.04 11.96
N LEU B 176 -6.17 21.81 12.43
CA LEU B 176 -7.20 21.54 13.42
C LEU B 176 -6.64 21.38 14.84
N LEU B 177 -5.34 21.15 14.94
CA LEU B 177 -4.70 20.94 16.24
C LEU B 177 -3.64 22.01 16.51
N GLU B 178 -3.63 23.06 15.70
CA GLU B 178 -2.68 24.17 15.89
C GLU B 178 -3.21 25.46 15.29
MN MN C . 0.36 0.64 0.89
MN MN D . 5.04 13.35 22.05
C1 OLA E . -1.41 -28.47 -2.81
O1 OLA E . -1.26 -29.35 -3.70
O2 OLA E . -0.76 -28.57 -1.75
C2 OLA E . -2.36 -27.31 -3.03
C3 OLA E . -1.57 -26.01 -3.05
C4 OLA E . -2.08 -25.02 -2.01
C5 OLA E . -1.18 -23.79 -1.96
C6 OLA E . -1.36 -23.01 -0.68
C7 OLA E . -0.04 -22.37 -0.24
C8 OLA E . -0.17 -21.74 1.14
C9 OLA E . 1.20 -21.40 1.68
C10 OLA E . 1.36 -21.05 3.10
C10 OLC F . 28.77 9.39 0.54
C9 OLC F . 29.85 9.59 1.54
C11 OLC F . 29.08 8.79 -0.79
C8 OLC F . 29.53 10.22 2.85
C24 OLC F . 25.73 13.06 11.98
C7 OLC F . 30.75 10.22 3.71
C6 OLC F . 30.55 11.17 4.84
C5 OLC F . 31.10 10.59 6.10
C4 OLC F . 30.39 11.19 7.27
C3 OLC F . 31.39 11.65 8.28
C2 OLC F . 30.99 11.15 9.62
C21 OLC F . 27.85 12.80 10.79
C1 OLC F . 30.06 12.11 10.27
C22 OLC F . 26.60 12.11 11.22
O19 OLC F . 30.51 12.99 11.00
O25 OLC F . 26.43 14.22 12.27
O23 OLC F . 25.93 11.67 10.12
O20 OLC F . 28.70 11.89 10.21
C10 OLC G . 20.61 6.46 -1.39
C9 OLC G . 19.84 7.11 -0.29
C11 OLC G . 20.66 7.09 -2.74
C8 OLC G . 19.38 8.52 -0.42
C24 OLC G . 17.79 19.54 1.39
C7 OLC G . 20.19 9.40 0.47
C6 OLC G . 19.92 10.83 0.18
C5 OLC G . 18.55 11.19 0.64
C4 OLC G . 18.00 12.27 -0.23
C3 OLC G . 17.98 13.57 0.53
C2 OLC G . 16.87 13.55 1.52
C21 OLC G . 17.34 17.18 1.80
C1 OLC G . 16.49 14.95 1.88
C22 OLC G . 17.03 18.35 0.91
O19 OLC G . 15.53 15.14 2.62
O25 OLC G . 16.92 20.41 2.03
O23 OLC G . 17.40 18.07 -0.39
O20 OLC G . 17.01 16.00 1.16
MN MN H . -4.35 6.34 23.48
MN MN I . 11.48 17.39 17.97
C1 OLA J . 13.84 10.05 -7.19
C2 OLA J . 14.05 9.41 -8.50
C3 OLA J . 14.40 7.94 -8.59
C4 OLA J . 14.89 7.62 -9.99
C5 OLA J . 13.79 7.83 -11.03
C6 OLA J . 14.08 7.04 -12.30
C7 OLA J . 12.80 6.58 -12.97
C8 OLC K . -18.60 17.49 -19.51
C7 OLC K . -17.87 17.80 -20.76
C6 OLC K . -16.88 18.89 -20.52
C5 OLC K . -16.55 19.58 -21.81
C4 OLC K . -16.03 18.59 -22.81
C3 OLC K . -16.01 19.21 -24.16
C2 OLC K . -15.71 18.17 -25.17
C18 OLC L . -23.51 11.20 -6.18
C10 OLC L . -25.15 13.82 2.10
C17 OLC L . -24.29 11.91 -5.13
C11 OLC L . -24.55 12.62 1.44
C16 OLC L . -23.38 12.72 -4.27
C12 OLC L . -24.70 12.73 -0.03
C15 OLC L . -23.67 12.44 -2.83
C13 OLC L . -23.54 13.47 -0.61
C14 OLC L . -23.73 13.72 -2.06
C10 OLC M . -9.68 -5.02 15.27
C9 OLC M . -8.76 -4.54 16.33
C11 OLC M . -10.44 -4.04 14.44
C8 OLC M . -8.19 -5.50 17.31
C24 OLC M . -9.60 1.86 26.44
C12 OLC M . -11.44 -4.77 13.60
C7 OLC M . -7.70 -4.77 18.51
C6 OLC M . -8.84 -4.07 19.17
C5 OLC M . -8.31 -2.95 20.01
C4 OLC M . -8.20 -3.38 21.43
C3 OLC M . -8.69 -2.29 22.32
C2 OLC M . -8.40 -2.62 23.74
C21 OLC M . -8.73 0.35 24.74
C1 OLC M . -9.39 -1.94 24.63
C22 OLC M . -9.40 1.67 24.98
O19 OLC M . -9.94 -2.57 25.52
O25 OLC M . -9.37 3.19 26.75
O23 OLC M . -8.61 2.68 24.49
O20 OLC M . -9.68 -0.61 24.46
#